data_8Z73
#
_entry.id   8Z73
#
_cell.length_a   116.587
_cell.length_b   116.587
_cell.length_c   168.824
_cell.angle_alpha   90.00
_cell.angle_beta   90.00
_cell.angle_gamma   120.00
#
_symmetry.space_group_name_H-M   'P 31 2 1'
#
loop_
_entity.id
_entity.type
_entity.pdbx_description
1 polymer 'Protein AF-9'
2 polymer 'Histone H3.3C'
3 non-polymer 1,2-ETHANEDIOL
4 water water
#
loop_
_entity_poly.entity_id
_entity_poly.type
_entity_poly.pdbx_seq_one_letter_code
_entity_poly.pdbx_strand_id
1 'polypeptide(L)'
;MGSSHHHHHHSSGLVPRGSHMASSCAVQVKLELGHRAQVRKKPTVEGFTHDWMVFVRGPEHSNIQHFVEKVVFHLHESFP
RPKRVCKDPPYKVEESGYAGFILPIEVYFKNKEEPRKVRFDYDLFLHLEGHPPVNHLRCEKLTFNNPTEDFRRKLLKA
;
A,B,D,F
2 'polypeptide(L)' ARTKQTAR(XRW)S P,C,E,G
#
loop_
_chem_comp.id
_chem_comp.type
_chem_comp.name
_chem_comp.formula
EDO non-polymer 1,2-ETHANEDIOL 'C2 H6 O2'
#
# COMPACT_ATOMS: atom_id res chain seq x y z
N MET A 21 -30.82 17.49 28.32
CA MET A 21 -29.64 18.24 28.76
C MET A 21 -29.46 19.59 28.01
N ALA A 22 -28.68 20.49 28.63
CA ALA A 22 -28.49 21.85 28.14
C ALA A 22 -27.16 22.05 27.43
N SER A 23 -26.23 21.11 27.54
CA SER A 23 -24.91 21.25 26.96
C SER A 23 -24.78 20.42 25.70
N SER A 24 -24.04 20.94 24.74
CA SER A 24 -23.64 20.19 23.56
C SER A 24 -22.13 20.35 23.39
N CYS A 25 -21.56 19.53 22.52
CA CYS A 25 -20.11 19.44 22.46
C CYS A 25 -19.67 19.06 21.07
N ALA A 26 -18.54 19.63 20.67
CA ALA A 26 -17.93 19.28 19.36
C ALA A 26 -16.43 19.24 19.57
N VAL A 27 -15.83 18.08 19.41
CA VAL A 27 -14.36 17.94 19.58
C VAL A 27 -13.75 17.75 18.20
N GLN A 28 -12.62 18.39 17.97
CA GLN A 28 -11.98 18.34 16.64
C GLN A 28 -10.53 17.88 16.83
N VAL A 29 -10.13 16.86 16.08
CA VAL A 29 -8.74 16.34 16.16
C VAL A 29 -8.13 16.45 14.78
N LYS A 30 -6.82 16.66 14.72
CA LYS A 30 -6.11 16.83 13.43
C LYS A 30 -5.19 15.65 13.19
N LEU A 31 -5.16 15.16 11.96
CA LEU A 31 -4.27 14.03 11.61
C LEU A 31 -3.41 14.43 10.43
N GLU A 32 -2.18 13.92 10.38
CA GLU A 32 -1.31 14.15 9.25
C GLU A 32 -1.07 12.81 8.57
N LEU A 33 -1.47 12.72 7.32
CA LEU A 33 -1.15 11.61 6.43
C LEU A 33 -0.04 12.05 5.49
N GLY A 34 0.84 11.13 5.11
CA GLY A 34 1.91 11.53 4.22
C GLY A 34 2.77 10.36 3.82
N HIS A 35 3.67 10.63 2.88
CA HIS A 35 4.53 9.57 2.36
C HIS A 35 5.84 10.14 1.84
N ARG A 36 6.86 9.30 1.79
CA ARG A 36 8.17 9.70 1.24
C ARG A 36 8.51 8.63 0.21
N ALA A 37 9.16 9.02 -0.88
CA ALA A 37 9.49 8.06 -1.95
C ALA A 37 10.80 8.46 -2.61
N GLN A 38 11.72 7.51 -2.74
CA GLN A 38 13.03 7.79 -3.31
C GLN A 38 13.40 6.77 -4.38
N VAL A 39 14.03 7.23 -5.47
CA VAL A 39 14.60 6.31 -6.44
C VAL A 39 15.81 5.61 -5.83
N ARG A 40 15.82 4.28 -5.87
CA ARG A 40 16.91 3.49 -5.31
C ARG A 40 18.17 3.64 -6.14
N LYS A 41 19.33 3.54 -5.48
CA LYS A 41 20.60 3.58 -6.21
C LYS A 41 20.73 2.39 -7.14
N LYS A 42 20.25 1.22 -6.71
CA LYS A 42 20.25 0.05 -7.56
C LYS A 42 18.93 -0.66 -7.32
N PRO A 43 18.17 -0.98 -8.37
CA PRO A 43 16.89 -1.67 -8.17
C PRO A 43 17.09 -3.00 -7.46
N THR A 44 16.03 -3.45 -6.79
CA THR A 44 16.09 -4.73 -6.11
C THR A 44 16.11 -5.85 -7.14
N VAL A 45 16.37 -7.07 -6.67
CA VAL A 45 16.46 -8.20 -7.58
C VAL A 45 15.14 -8.46 -8.29
N GLU A 46 14.01 -8.05 -7.68
CA GLU A 46 12.69 -8.17 -8.29
C GLU A 46 12.44 -7.17 -9.41
N GLY A 47 13.26 -6.11 -9.52
CA GLY A 47 13.01 -5.02 -10.43
C GLY A 47 12.49 -3.76 -9.79
N PHE A 48 12.27 -3.77 -8.47
CA PHE A 48 11.67 -2.60 -7.82
C PHE A 48 12.64 -1.43 -7.81
N THR A 49 12.14 -0.26 -8.20
CA THR A 49 12.99 0.89 -8.45
C THR A 49 12.95 1.93 -7.34
N HIS A 50 11.96 1.87 -6.44
CA HIS A 50 11.76 2.91 -5.44
C HIS A 50 11.62 2.29 -4.06
N ASP A 51 12.04 3.05 -3.04
CA ASP A 51 11.69 2.80 -1.65
C ASP A 51 10.71 3.87 -1.17
N TRP A 52 9.62 3.46 -0.55
CA TRP A 52 8.72 4.47 -0.03
C TRP A 52 8.28 4.11 1.37
N MET A 53 7.76 5.12 2.06
CA MET A 53 7.18 4.97 3.39
C MET A 53 5.96 5.87 3.49
N VAL A 54 4.87 5.32 4.03
CA VAL A 54 3.62 6.05 4.19
C VAL A 54 3.25 5.98 5.66
N PHE A 55 2.54 6.99 6.16
CA PHE A 55 2.32 7.10 7.59
C PHE A 55 1.04 7.87 7.93
N VAL A 56 0.52 7.60 9.13
CA VAL A 56 -0.50 8.41 9.77
C VAL A 56 0.07 8.80 11.13
N ARG A 57 0.09 10.10 11.41
CA ARG A 57 0.53 10.60 12.71
C ARG A 57 -0.36 11.76 13.12
N GLY A 58 -0.13 12.24 14.32
CA GLY A 58 -0.81 13.46 14.75
C GLY A 58 0.22 14.56 14.78
N PRO A 59 -0.16 15.83 14.93
CA PRO A 59 0.83 16.89 14.89
C PRO A 59 1.59 17.03 16.20
N GLU A 60 2.74 17.69 16.17
CA GLU A 60 3.45 18.00 17.44
C GLU A 60 3.72 16.73 18.21
N HIS A 61 3.80 15.60 17.51
CA HIS A 61 4.02 14.30 18.20
C HIS A 61 2.87 14.06 19.19
N SER A 62 1.69 14.60 18.89
CA SER A 62 0.52 14.38 19.76
C SER A 62 0.35 12.89 19.99
N ASN A 63 -0.26 12.51 21.10
CA ASN A 63 -0.51 11.07 21.37
C ASN A 63 -1.91 10.69 20.89
N ILE A 64 -2.05 10.32 19.62
CA ILE A 64 -3.37 9.99 19.03
C ILE A 64 -3.71 8.57 19.44
N GLN A 65 -2.70 7.81 19.81
CA GLN A 65 -2.93 6.46 20.28
C GLN A 65 -3.99 6.40 21.37
N HIS A 66 -4.26 7.50 22.05
CA HIS A 66 -5.30 7.54 23.07
C HIS A 66 -6.69 7.27 22.48
N PHE A 67 -6.92 7.62 21.22
CA PHE A 67 -8.23 7.41 20.63
C PHE A 67 -8.23 6.53 19.38
N VAL A 68 -7.04 6.12 18.90
CA VAL A 68 -6.91 5.32 17.69
C VAL A 68 -6.72 3.86 18.08
N GLU A 69 -7.70 3.02 17.75
CA GLU A 69 -7.56 1.58 17.99
C GLU A 69 -6.42 0.98 17.17
N LYS A 70 -6.49 1.15 15.85
CA LYS A 70 -5.53 0.60 14.90
C LYS A 70 -5.60 1.44 13.64
N VAL A 71 -4.54 1.38 12.84
CA VAL A 71 -4.53 1.96 11.51
C VAL A 71 -4.25 0.85 10.52
N VAL A 72 -5.06 0.76 9.48
CA VAL A 72 -4.96 -0.30 8.47
C VAL A 72 -4.59 0.31 7.12
N PHE A 73 -3.45 -0.08 6.58
CA PHE A 73 -3.05 0.31 5.23
C PHE A 73 -3.39 -0.80 4.25
N HIS A 74 -4.23 -0.49 3.28
CA HIS A 74 -4.66 -1.47 2.27
C HIS A 74 -3.72 -1.33 1.09
N LEU A 75 -2.70 -2.16 1.06
CA LEU A 75 -1.77 -2.05 -0.06
C LEU A 75 -2.39 -2.64 -1.33
N HIS A 76 -1.82 -2.25 -2.46
CA HIS A 76 -2.16 -2.89 -3.72
C HIS A 76 -1.98 -4.40 -3.63
N GLU A 77 -2.89 -5.16 -4.19
CA GLU A 77 -2.87 -6.63 -4.08
C GLU A 77 -1.61 -7.25 -4.65
N SER A 78 -0.79 -6.44 -5.30
CA SER A 78 0.45 -6.96 -5.91
C SER A 78 1.44 -7.22 -4.79
N PHE A 79 1.23 -6.56 -3.66
CA PHE A 79 2.17 -6.70 -2.53
C PHE A 79 1.78 -7.90 -1.71
N PRO A 80 2.75 -8.56 -1.08
CA PRO A 80 2.44 -9.68 -0.22
C PRO A 80 1.80 -9.21 1.08
N ARG A 81 0.81 -9.95 1.57
CA ARG A 81 0.13 -9.58 2.81
C ARG A 81 -0.31 -8.14 2.64
N PRO A 82 -1.26 -7.88 1.72
CA PRO A 82 -1.65 -6.51 1.40
C PRO A 82 -2.31 -5.71 2.54
N LYS A 83 -2.98 -6.38 3.47
CA LYS A 83 -3.61 -5.69 4.61
C LYS A 83 -2.59 -5.53 5.71
N ARG A 84 -2.02 -4.34 5.79
CA ARG A 84 -1.02 -4.08 6.82
C ARG A 84 -1.69 -3.39 8.00
N VAL A 85 -1.63 -4.00 9.19
CA VAL A 85 -2.35 -3.50 10.37
C VAL A 85 -1.38 -3.00 11.43
N CYS A 86 -1.55 -1.74 11.83
CA CYS A 86 -0.74 -1.14 12.89
C CYS A 86 -1.62 -0.85 14.09
N LYS A 87 -1.46 -1.65 15.15
CA LYS A 87 -2.25 -1.49 16.36
C LYS A 87 -1.62 -0.52 17.35
N ASP A 88 -0.36 -0.16 17.14
CA ASP A 88 0.37 0.71 18.04
C ASP A 88 1.27 1.61 17.19
N PRO A 89 1.41 2.87 17.56
CA PRO A 89 2.26 3.77 16.78
C PRO A 89 3.70 3.32 16.84
N PRO A 90 4.52 3.67 15.82
CA PRO A 90 4.19 4.51 14.67
C PRO A 90 3.29 3.79 13.69
N TYR A 91 2.33 4.52 13.11
CA TYR A 91 1.40 3.94 12.14
C TYR A 91 2.01 4.15 10.76
N LYS A 92 2.81 3.19 10.32
CA LYS A 92 3.52 3.41 9.08
C LYS A 92 3.77 2.08 8.38
N VAL A 93 4.09 2.16 7.10
CA VAL A 93 4.46 1.02 6.28
C VAL A 93 5.65 1.41 5.41
N GLU A 94 6.66 0.54 5.35
CA GLU A 94 7.87 0.76 4.55
C GLU A 94 8.00 -0.35 3.53
N GLU A 95 8.00 0.00 2.25
CA GLU A 95 8.14 -0.99 1.19
C GLU A 95 9.00 -0.45 0.06
N SER A 96 9.32 -1.35 -0.86
CA SER A 96 9.90 -1.01 -2.15
C SER A 96 8.89 -1.32 -3.25
N GLY A 97 8.92 -0.56 -4.34
CA GLY A 97 7.98 -0.81 -5.41
C GLY A 97 8.46 -0.20 -6.70
N TYR A 98 7.60 -0.31 -7.72
CA TYR A 98 7.94 0.20 -9.05
C TYR A 98 6.85 1.06 -9.67
N ALA A 99 5.74 1.32 -8.98
CA ALA A 99 4.62 2.01 -9.60
C ALA A 99 3.68 2.61 -8.54
N GLY A 100 3.14 3.79 -8.84
CA GLY A 100 2.25 4.44 -7.90
C GLY A 100 0.88 3.81 -7.89
N PHE A 101 0.16 3.98 -6.79
CA PHE A 101 -1.18 3.42 -6.67
C PHE A 101 -1.96 4.19 -5.61
N ILE A 102 -3.27 3.94 -5.57
CA ILE A 102 -4.12 4.48 -4.51
C ILE A 102 -4.14 3.49 -3.36
N LEU A 103 -3.91 4.01 -2.16
CA LEU A 103 -3.75 3.21 -0.94
C LEU A 103 -4.84 3.62 0.04
N PRO A 104 -5.90 2.83 0.19
CA PRO A 104 -6.93 3.18 1.18
C PRO A 104 -6.41 2.96 2.59
N ILE A 105 -6.59 3.96 3.45
CA ILE A 105 -6.16 3.94 4.84
C ILE A 105 -7.39 4.04 5.70
N GLU A 106 -7.50 3.18 6.71
CA GLU A 106 -8.63 3.17 7.63
C GLU A 106 -8.11 3.39 9.04
N VAL A 107 -8.60 4.43 9.73
CA VAL A 107 -8.25 4.69 11.12
C VAL A 107 -9.42 4.25 11.98
N TYR A 108 -9.19 3.27 12.85
CA TYR A 108 -10.23 2.78 13.76
C TYR A 108 -10.15 3.53 15.09
N PHE A 109 -11.30 3.91 15.62
CA PHE A 109 -11.34 4.63 16.88
C PHE A 109 -11.65 3.71 18.05
N LYS A 110 -11.18 4.11 19.24
CA LYS A 110 -11.50 3.44 20.50
C LYS A 110 -12.90 3.83 20.97
N ASN A 111 -13.85 3.70 20.04
CA ASN A 111 -15.22 4.17 20.32
C ASN A 111 -16.16 2.97 20.25
N LYS A 112 -17.37 3.16 20.74
CA LYS A 112 -18.37 2.09 20.71
C LYS A 112 -19.47 2.50 19.75
N GLU A 113 -19.65 3.81 19.58
CA GLU A 113 -20.76 4.32 18.76
C GLU A 113 -20.21 4.93 17.48
N GLU A 114 -21.09 5.17 16.50
CA GLU A 114 -20.62 5.72 15.25
C GLU A 114 -20.02 7.09 15.49
N PRO A 115 -19.01 7.49 14.70
CA PRO A 115 -18.30 6.66 13.71
C PRO A 115 -17.24 5.74 14.35
N ARG A 116 -17.16 4.50 13.88
CA ARG A 116 -16.13 3.64 14.44
C ARG A 116 -14.85 3.65 13.63
N LYS A 117 -14.87 4.22 12.43
CA LYS A 117 -13.65 4.38 11.67
C LYS A 117 -13.85 5.53 10.68
N VAL A 118 -12.74 5.91 10.05
CA VAL A 118 -12.75 6.94 8.99
C VAL A 118 -11.80 6.40 7.92
N ARG A 119 -12.12 6.61 6.65
CA ARG A 119 -11.28 6.10 5.54
C ARG A 119 -10.82 7.22 4.63
N PHE A 120 -9.55 7.18 4.25
CA PHE A 120 -8.99 8.16 3.32
C PHE A 120 -8.35 7.39 2.18
N ASP A 121 -8.53 7.82 0.94
CA ASP A 121 -7.86 7.20 -0.19
C ASP A 121 -6.57 7.96 -0.44
N TYR A 122 -5.43 7.37 -0.08
CA TYR A 122 -4.15 8.06 -0.15
C TYR A 122 -3.50 7.82 -1.52
N ASP A 123 -3.03 8.89 -2.14
CA ASP A 123 -2.36 8.78 -3.43
C ASP A 123 -0.89 8.54 -3.18
N LEU A 124 -0.49 7.27 -3.23
CA LEU A 124 0.92 6.88 -3.10
C LEU A 124 1.59 7.04 -4.45
N PHE A 125 2.12 8.23 -4.72
CA PHE A 125 2.72 8.48 -6.02
C PHE A 125 4.24 8.49 -5.93
N LEU A 126 4.87 8.11 -7.04
CA LEU A 126 6.32 8.01 -7.13
C LEU A 126 6.81 8.91 -8.26
N HIS A 127 7.95 9.54 -8.05
CA HIS A 127 8.52 10.39 -9.07
C HIS A 127 9.61 9.66 -9.83
N LEU A 128 9.77 10.05 -11.10
CA LEU A 128 10.80 9.53 -11.99
C LEU A 128 12.20 9.77 -11.44
N GLU A 129 13.14 8.97 -11.95
CA GLU A 129 14.55 9.27 -11.77
C GLU A 129 14.89 10.62 -12.38
N GLY A 130 15.80 11.34 -11.74
CA GLY A 130 16.19 12.65 -12.19
C GLY A 130 15.37 13.78 -11.62
N HIS A 131 14.18 13.50 -11.10
CA HIS A 131 13.44 14.47 -10.32
C HIS A 131 13.71 14.26 -8.84
N PRO A 132 13.45 15.26 -8.00
CA PRO A 132 13.74 15.12 -6.56
C PRO A 132 12.91 14.01 -5.95
N PRO A 133 13.34 13.47 -4.81
CA PRO A 133 12.51 12.51 -4.08
C PRO A 133 11.21 13.15 -3.60
N VAL A 134 10.20 12.32 -3.37
CA VAL A 134 8.89 12.78 -2.91
C VAL A 134 8.87 12.90 -1.39
N ASN A 135 8.35 14.01 -0.90
CA ASN A 135 8.04 14.18 0.52
C ASN A 135 6.72 14.93 0.58
N HIS A 136 5.64 14.23 0.89
CA HIS A 136 4.29 14.77 0.76
C HIS A 136 3.59 14.71 2.11
N LEU A 137 2.78 15.73 2.37
CA LEU A 137 2.04 15.79 3.63
C LEU A 137 0.62 16.24 3.33
N ARG A 138 -0.32 15.63 4.02
CA ARG A 138 -1.74 15.85 3.78
C ARG A 138 -2.42 15.93 5.13
N CYS A 139 -2.99 17.09 5.44
CA CYS A 139 -3.61 17.33 6.74
C CYS A 139 -5.10 17.08 6.65
N GLU A 140 -5.63 16.41 7.67
CA GLU A 140 -7.07 16.08 7.69
C GLU A 140 -7.57 16.37 9.10
N LYS A 141 -8.71 17.04 9.19
CA LYS A 141 -9.32 17.32 10.50
C LYS A 141 -10.54 16.45 10.67
N LEU A 142 -10.66 15.83 11.83
CA LEU A 142 -11.83 14.98 12.13
C LEU A 142 -12.66 15.73 13.15
N THR A 143 -13.98 15.74 12.99
CA THR A 143 -14.87 16.46 13.88
C THR A 143 -15.89 15.50 14.45
N PHE A 144 -15.90 15.34 15.77
CA PHE A 144 -16.85 14.47 16.46
C PHE A 144 -17.87 15.31 17.21
N ASN A 145 -19.13 15.21 16.79
CA ASN A 145 -20.19 15.98 17.41
C ASN A 145 -20.82 15.17 18.54
N ASN A 146 -20.71 15.67 19.74
CA ASN A 146 -21.31 15.05 20.92
C ASN A 146 -20.82 13.62 21.09
N PRO A 147 -19.52 13.41 21.25
CA PRO A 147 -19.03 12.08 21.57
C PRO A 147 -19.54 11.67 22.93
N THR A 148 -19.47 10.37 23.19
CA THR A 148 -19.76 9.90 24.54
C THR A 148 -18.71 10.43 25.52
N GLU A 149 -19.00 10.30 26.82
CA GLU A 149 -18.07 10.79 27.82
C GLU A 149 -16.71 10.11 27.73
N ASP A 150 -16.69 8.80 27.48
CA ASP A 150 -15.40 8.12 27.47
C ASP A 150 -14.66 8.35 26.16
N PHE A 151 -15.35 8.34 25.02
CA PHE A 151 -14.64 8.71 23.80
C PHE A 151 -14.14 10.14 23.89
N ARG A 152 -14.95 11.02 24.49
CA ARG A 152 -14.56 12.42 24.60
C ARG A 152 -13.29 12.56 25.43
N ARG A 153 -13.17 11.78 26.50
CA ARG A 153 -11.99 11.90 27.34
C ARG A 153 -10.74 11.43 26.61
N LYS A 154 -10.85 10.37 25.82
CA LYS A 154 -9.68 9.91 25.06
C LYS A 154 -9.30 10.93 24.01
N LEU A 155 -10.28 11.39 23.22
CA LEU A 155 -10.03 12.43 22.23
C LEU A 155 -9.23 13.58 22.80
N LEU A 156 -9.65 14.10 23.95
CA LEU A 156 -9.02 15.27 24.54
C LEU A 156 -7.74 14.94 25.30
N LYS A 157 -7.45 13.66 25.57
CA LYS A 157 -6.14 13.33 26.12
C LYS A 157 -5.06 13.40 25.05
N ALA A 158 -5.46 13.41 23.78
CA ALA A 158 -4.52 13.50 22.68
C ALA A 158 -4.14 14.96 22.41
N THR B 3 4.94 13.63 -17.53
CA THR B 3 4.66 13.74 -16.07
C THR B 3 5.93 13.48 -15.26
N LYS B 4 5.93 13.90 -13.99
CA LYS B 4 7.07 13.66 -13.10
C LYS B 4 6.86 12.31 -12.43
N GLN B 5 5.66 11.75 -12.58
CA GLN B 5 5.31 10.51 -11.84
C GLN B 5 5.60 9.27 -12.66
N THR B 6 5.76 8.16 -11.96
CA THR B 6 5.98 6.87 -12.63
C THR B 6 4.65 6.40 -13.16
N ALA B 7 4.65 5.22 -13.75
CA ALA B 7 3.37 4.66 -14.21
C ALA B 7 2.61 4.22 -12.98
N ARG B 8 1.37 3.84 -13.17
CA ARG B 8 0.52 3.50 -12.04
C ARG B 8 -0.10 2.14 -12.16
C XRW B 9 -2.66 0.51 -10.45
CB XRW B 9 -0.51 -0.80 -10.45
CA XRW B 9 -1.29 0.33 -11.10
N XRW B 9 -0.53 1.57 -11.04
O XRW B 9 -2.85 1.38 -9.56
CE XRW B 9 2.39 -1.41 -8.14
C22 XRW B 9 4.13 -2.62 -6.78
C24 XRW B 9 4.50 -3.87 -5.95
CG XRW B 9 0.39 -0.36 -9.33
CD XRW B 9 0.96 -1.61 -8.64
C25 XRW B 9 5.99 -3.93 -5.65
NZ XRW B 9 2.79 -2.54 -7.35
O23 XRW B 9 4.90 -1.72 -6.95
O26 XRW B 9 4.09 -5.02 -6.65
N SER B 10 -3.62 -0.29 -10.91
CA SER B 10 -4.95 -0.32 -10.30
C SER B 10 -5.29 -1.75 -9.90
N MET C 21 30.56 23.31 40.17
CA MET C 21 30.27 23.13 38.73
C MET C 21 29.18 24.11 38.29
N ALA C 22 28.97 24.25 36.99
CA ALA C 22 28.02 25.26 36.47
C ALA C 22 26.90 24.58 35.71
N SER C 23 26.94 23.26 35.62
CA SER C 23 25.96 22.54 34.79
C SER C 23 24.89 21.84 35.63
N SER C 24 23.67 21.78 35.11
CA SER C 24 22.56 21.05 35.76
C SER C 24 21.88 20.27 34.64
N CYS C 25 21.23 19.16 34.97
CA CYS C 25 20.58 18.32 33.93
C CYS C 25 19.24 17.85 34.44
N ALA C 26 18.30 17.67 33.52
CA ALA C 26 16.99 17.12 33.88
C ALA C 26 16.58 16.22 32.73
N VAL C 27 16.69 14.91 32.92
CA VAL C 27 16.33 13.96 31.84
C VAL C 27 14.90 13.50 32.10
N GLN C 28 14.11 13.39 31.04
CA GLN C 28 12.72 12.91 31.18
C GLN C 28 12.50 11.71 30.27
N VAL C 29 11.78 10.72 30.77
CA VAL C 29 11.43 9.56 29.97
C VAL C 29 9.93 9.37 30.07
N LYS C 30 9.36 8.80 29.02
CA LYS C 30 7.94 8.52 28.94
C LYS C 30 7.70 7.02 29.11
N LEU C 31 6.73 6.65 29.94
CA LEU C 31 6.25 5.28 30.01
C LEU C 31 4.77 5.23 29.62
N GLU C 32 4.38 4.11 29.02
CA GLU C 32 2.97 3.85 28.75
C GLU C 32 2.56 2.62 29.54
N LEU C 33 1.61 2.80 30.45
CA LEU C 33 0.96 1.71 31.14
C LEU C 33 -0.40 1.50 30.49
N GLY C 34 -0.86 0.26 30.45
CA GLY C 34 -2.17 0.01 29.86
C GLY C 34 -2.61 -1.41 30.09
N HIS C 35 -3.84 -1.68 29.68
CA HIS C 35 -4.33 -3.04 29.75
C HIS C 35 -5.49 -3.19 28.79
N ARG C 36 -5.72 -4.44 28.39
CA ARG C 36 -6.82 -4.84 27.52
C ARG C 36 -7.64 -5.89 28.27
N ALA C 37 -8.96 -5.83 28.20
CA ALA C 37 -9.77 -6.85 28.89
C ALA C 37 -11.00 -7.21 28.08
N GLN C 38 -11.17 -8.50 27.80
CA GLN C 38 -12.26 -8.98 26.97
C GLN C 38 -13.03 -10.07 27.70
N VAL C 39 -14.33 -10.15 27.44
CA VAL C 39 -15.15 -11.24 27.95
C VAL C 39 -14.89 -12.51 27.14
N ARG C 40 -14.71 -13.63 27.85
CA ARG C 40 -14.45 -14.91 27.18
C ARG C 40 -15.71 -15.44 26.54
N LYS C 41 -15.54 -16.06 25.36
CA LYS C 41 -16.71 -16.67 24.73
C LYS C 41 -17.25 -17.78 25.61
N LYS C 42 -16.39 -18.48 26.33
CA LYS C 42 -16.82 -19.43 27.34
C LYS C 42 -15.92 -19.28 28.56
N PRO C 43 -16.47 -19.22 29.77
CA PRO C 43 -15.63 -19.10 30.96
C PRO C 43 -14.74 -20.33 31.13
N THR C 44 -13.70 -20.15 31.93
CA THR C 44 -12.78 -21.24 32.23
C THR C 44 -13.44 -22.25 33.17
N VAL C 45 -12.74 -23.35 33.44
CA VAL C 45 -13.34 -24.34 34.32
C VAL C 45 -13.45 -23.75 35.72
N GLU C 46 -12.55 -22.83 36.06
CA GLU C 46 -12.56 -22.19 37.36
C GLU C 46 -13.69 -21.20 37.55
N GLY C 47 -14.38 -20.77 36.49
CA GLY C 47 -15.38 -19.74 36.56
C GLY C 47 -14.95 -18.39 36.00
N PHE C 48 -13.70 -18.25 35.57
CA PHE C 48 -13.19 -16.95 35.16
C PHE C 48 -13.84 -16.50 33.86
N THR C 49 -14.33 -15.26 33.86
CA THR C 49 -15.15 -14.76 32.76
C THR C 49 -14.39 -13.87 31.79
N HIS C 50 -13.20 -13.39 32.15
CA HIS C 50 -12.48 -12.41 31.33
C HIS C 50 -11.04 -12.86 31.08
N ASP C 51 -10.52 -12.46 29.92
CA ASP C 51 -9.09 -12.53 29.63
C ASP C 51 -8.56 -11.09 29.63
N TRP C 52 -7.42 -10.88 30.27
CA TRP C 52 -6.84 -9.54 30.26
C TRP C 52 -5.32 -9.62 30.17
N MET C 53 -4.75 -8.49 29.81
CA MET C 53 -3.32 -8.32 29.64
C MET C 53 -2.99 -6.89 30.06
N VAL C 54 -2.01 -6.74 30.96
CA VAL C 54 -1.54 -5.45 31.42
C VAL C 54 -0.07 -5.34 31.03
N PHE C 55 0.40 -4.12 30.80
CA PHE C 55 1.73 -3.95 30.21
C PHE C 55 2.36 -2.63 30.63
N VAL C 56 3.70 -2.61 30.60
CA VAL C 56 4.47 -1.38 30.67
C VAL C 56 5.37 -1.35 29.45
N ARG C 57 5.33 -0.26 28.70
CA ARG C 57 6.18 -0.12 27.51
C ARG C 57 6.63 1.32 27.42
N GLY C 58 7.56 1.57 26.52
CA GLY C 58 7.85 2.93 26.11
C GLY C 58 7.08 3.31 24.87
N PRO C 59 6.95 4.61 24.62
CA PRO C 59 6.15 5.05 23.46
C PRO C 59 6.85 4.72 22.14
N GLU C 60 6.04 4.30 21.16
CA GLU C 60 6.53 4.06 19.80
C GLU C 60 7.73 3.11 19.80
N HIS C 61 7.56 1.98 20.50
CA HIS C 61 8.53 0.89 20.48
C HIS C 61 9.92 1.33 20.94
N SER C 62 10.03 2.43 21.69
CA SER C 62 11.32 2.80 22.27
C SER C 62 11.83 1.69 23.19
N ASN C 63 13.14 1.72 23.41
CA ASN C 63 13.82 0.63 24.10
C ASN C 63 14.08 1.03 25.54
N ILE C 64 13.03 0.97 26.36
CA ILE C 64 13.20 1.39 27.74
C ILE C 64 14.08 0.44 28.52
N GLN C 65 14.36 -0.75 27.96
CA GLN C 65 15.22 -1.70 28.64
C GLN C 65 16.59 -1.11 28.98
N HIS C 66 17.05 -0.08 28.24
CA HIS C 66 18.33 0.54 28.54
C HIS C 66 18.43 1.00 29.97
N PHE C 67 17.33 1.51 30.54
CA PHE C 67 17.35 2.05 31.88
C PHE C 67 16.43 1.32 32.87
N VAL C 68 15.63 0.35 32.41
CA VAL C 68 14.70 -0.38 33.26
C VAL C 68 15.30 -1.76 33.52
N GLU C 69 15.56 -2.04 34.79
CA GLU C 69 16.11 -3.35 35.12
C GLU C 69 15.05 -4.43 35.10
N LYS C 70 13.90 -4.17 35.72
CA LYS C 70 12.79 -5.11 35.72
C LYS C 70 11.49 -4.38 36.01
N VAL C 71 10.38 -4.98 35.58
CA VAL C 71 9.06 -4.52 35.94
C VAL C 71 8.38 -5.62 36.75
N VAL C 72 7.79 -5.25 37.87
CA VAL C 72 7.15 -6.18 38.77
C VAL C 72 5.66 -5.84 38.81
N PHE C 73 4.83 -6.83 38.49
CA PHE C 73 3.38 -6.68 38.61
C PHE C 73 2.87 -7.43 39.84
N HIS C 74 2.33 -6.69 40.80
CA HIS C 74 1.76 -7.27 42.02
C HIS C 74 0.28 -7.60 41.82
N LEU C 75 -0.01 -8.82 41.37
CA LEU C 75 -1.41 -9.20 41.20
C LEU C 75 -2.11 -9.33 42.56
N HIS C 76 -3.45 -9.37 42.51
CA HIS C 76 -4.28 -9.60 43.68
C HIS C 76 -3.94 -10.95 44.33
N GLU C 77 -4.06 -11.02 45.67
CA GLU C 77 -3.61 -12.20 46.42
C GLU C 77 -4.19 -13.49 45.89
N SER C 78 -5.41 -13.40 45.35
CA SER C 78 -6.18 -14.57 44.90
C SER C 78 -5.49 -15.31 43.77
N PHE C 79 -4.58 -14.63 43.10
CA PHE C 79 -3.91 -15.24 41.96
C PHE C 79 -2.76 -16.07 42.50
N PRO C 80 -2.40 -17.16 41.82
CA PRO C 80 -1.26 -17.94 42.23
C PRO C 80 0.01 -17.16 41.88
N ARG C 81 1.05 -17.30 42.69
CA ARG C 81 2.33 -16.58 42.47
C ARG C 81 1.99 -15.14 42.10
N PRO C 82 1.39 -14.36 43.01
CA PRO C 82 0.90 -13.02 42.69
C PRO C 82 1.98 -12.00 42.27
N LYS C 83 3.22 -12.22 42.65
CA LYS C 83 4.33 -11.29 42.31
C LYS C 83 4.94 -11.74 41.01
N ARG C 84 4.45 -11.18 39.92
CA ARG C 84 4.99 -11.50 38.60
C ARG C 84 6.12 -10.55 38.27
N VAL C 85 7.25 -11.09 37.80
CA VAL C 85 8.45 -10.29 37.52
C VAL C 85 8.86 -10.45 36.06
N CYS C 86 9.04 -9.32 35.38
CA CYS C 86 9.50 -9.29 33.99
C CYS C 86 10.87 -8.64 33.97
N LYS C 87 11.90 -9.44 33.69
CA LYS C 87 13.25 -8.91 33.63
C LYS C 87 13.65 -8.48 32.23
N ASP C 88 12.80 -8.74 31.23
CA ASP C 88 13.10 -8.46 29.82
C ASP C 88 11.80 -8.12 29.09
N PRO C 89 11.82 -7.16 28.18
CA PRO C 89 10.60 -6.83 27.45
C PRO C 89 10.14 -8.00 26.59
N PRO C 90 8.83 -8.06 26.28
CA PRO C 90 7.79 -7.13 26.72
C PRO C 90 7.45 -7.26 28.20
N TYR C 91 7.31 -6.14 28.89
CA TYR C 91 6.89 -6.16 30.28
C TYR C 91 5.38 -6.26 30.31
N LYS C 92 4.87 -7.49 30.41
CA LYS C 92 3.43 -7.66 30.42
C LYS C 92 3.06 -8.94 31.15
N VAL C 93 1.78 -9.03 31.54
CA VAL C 93 1.22 -10.18 32.24
C VAL C 93 -0.11 -10.50 31.57
N GLU C 94 -0.33 -11.77 31.27
CA GLU C 94 -1.56 -12.22 30.62
C GLU C 94 -2.26 -13.21 31.53
N GLU C 95 -3.50 -12.91 31.88
CA GLU C 95 -4.20 -13.73 32.85
C GLU C 95 -5.69 -13.74 32.56
N SER C 96 -6.39 -14.64 33.25
CA SER C 96 -7.84 -14.69 33.23
C SER C 96 -8.37 -14.45 34.64
N GLY C 97 -9.46 -13.70 34.75
CA GLY C 97 -10.08 -13.48 36.03
C GLY C 97 -11.55 -13.14 35.89
N TYR C 98 -12.15 -12.72 37.00
CA TYR C 98 -13.58 -12.46 37.04
C TYR C 98 -13.97 -11.16 37.71
N ALA C 99 -13.00 -10.31 38.10
CA ALA C 99 -13.29 -9.11 38.87
C ALA C 99 -12.12 -8.14 38.80
N GLY C 100 -12.43 -6.85 38.83
CA GLY C 100 -11.40 -5.82 38.76
C GLY C 100 -10.67 -5.63 40.08
N PHE C 101 -9.47 -5.07 40.02
CA PHE C 101 -8.68 -4.86 41.23
C PHE C 101 -7.62 -3.79 40.97
N ILE C 102 -7.00 -3.29 42.06
CA ILE C 102 -5.86 -2.39 41.97
C ILE C 102 -4.59 -3.22 41.88
N LEU C 103 -3.77 -2.96 40.86
CA LEU C 103 -2.57 -3.75 40.58
C LEU C 103 -1.36 -2.84 40.76
N PRO C 104 -0.68 -2.86 41.91
CA PRO C 104 0.55 -2.08 42.05
C PRO C 104 1.61 -2.58 41.09
N ILE C 105 2.23 -1.64 40.36
CA ILE C 105 3.30 -1.93 39.41
C ILE C 105 4.53 -1.16 39.86
N GLU C 106 5.68 -1.84 39.91
CA GLU C 106 6.95 -1.22 40.29
C GLU C 106 7.91 -1.31 39.12
N VAL C 107 8.46 -0.18 38.69
CA VAL C 107 9.48 -0.16 37.65
C VAL C 107 10.83 0.08 38.32
N TYR C 108 11.74 -0.86 38.13
CA TYR C 108 13.07 -0.79 38.76
C TYR C 108 14.08 -0.25 37.76
N PHE C 109 14.90 0.69 38.20
CA PHE C 109 15.83 1.37 37.28
C PHE C 109 17.25 0.84 37.42
N LYS C 110 18.03 0.91 36.35
CA LYS C 110 19.43 0.48 36.38
C LYS C 110 20.26 1.63 36.98
N ASN C 111 19.81 2.16 38.11
CA ASN C 111 20.50 3.27 38.79
C ASN C 111 21.20 2.71 40.02
N LYS C 112 22.38 3.22 40.34
CA LYS C 112 23.10 2.76 41.55
C LYS C 112 22.76 3.74 42.67
N GLU C 113 21.83 4.66 42.39
CA GLU C 113 21.46 5.69 43.39
C GLU C 113 19.97 5.92 43.31
N GLU C 114 19.42 6.67 44.26
CA GLU C 114 17.97 6.94 44.30
C GLU C 114 17.68 8.05 43.30
N PRO C 115 16.65 7.91 42.44
CA PRO C 115 15.62 6.89 42.63
C PRO C 115 16.00 5.53 42.04
N ARG C 116 15.55 4.45 42.68
CA ARG C 116 15.88 3.07 42.24
C ARG C 116 14.62 2.40 41.71
N LYS C 117 13.46 2.88 42.14
CA LYS C 117 12.20 2.29 41.70
C LYS C 117 11.09 3.33 41.73
N VAL C 118 10.09 3.17 40.86
CA VAL C 118 8.91 4.03 40.92
C VAL C 118 7.71 3.08 40.95
N ARG C 119 6.66 3.49 41.65
CA ARG C 119 5.49 2.64 41.83
C ARG C 119 4.22 3.34 41.36
N PHE C 120 3.46 2.67 40.51
CA PHE C 120 2.16 3.13 40.04
C PHE C 120 1.06 2.20 40.54
N ASP C 121 -0.06 2.76 41.01
CA ASP C 121 -1.22 1.94 41.36
C ASP C 121 -2.15 1.84 40.16
N TYR C 122 -2.01 0.76 39.38
CA TYR C 122 -2.81 0.58 38.19
C TYR C 122 -4.21 0.05 38.52
N ASP C 123 -5.22 0.62 37.89
CA ASP C 123 -6.60 0.16 38.05
C ASP C 123 -6.90 -0.83 36.94
N LEU C 124 -6.74 -2.12 37.23
CA LEU C 124 -7.12 -3.19 36.30
C LEU C 124 -8.63 -3.40 36.41
N PHE C 125 -9.37 -2.79 35.51
CA PHE C 125 -10.83 -2.91 35.56
C PHE C 125 -11.37 -3.71 34.38
N LEU C 126 -12.52 -4.35 34.60
CA LEU C 126 -13.17 -5.18 33.60
C LEU C 126 -14.57 -4.64 33.34
N HIS C 127 -14.97 -4.64 32.08
CA HIS C 127 -16.31 -4.27 31.69
C HIS C 127 -17.22 -5.50 31.63
N LEU C 128 -18.52 -5.25 31.70
CA LEU C 128 -19.52 -6.31 31.77
C LEU C 128 -19.73 -6.99 30.42
N GLU C 129 -20.39 -8.15 30.48
CA GLU C 129 -21.00 -8.75 29.31
C GLU C 129 -21.75 -7.70 28.50
N GLY C 130 -21.66 -7.79 27.17
CA GLY C 130 -22.43 -6.93 26.31
C GLY C 130 -21.90 -5.53 26.15
N HIS C 131 -20.87 -5.18 26.86
CA HIS C 131 -20.12 -3.97 26.59
C HIS C 131 -18.83 -4.32 25.87
N PRO C 132 -18.26 -3.36 25.12
CA PRO C 132 -17.07 -3.66 24.31
C PRO C 132 -15.87 -3.95 25.19
N PRO C 133 -14.85 -4.61 24.65
CA PRO C 133 -13.66 -4.89 25.47
C PRO C 133 -13.01 -3.60 25.96
N VAL C 134 -12.06 -3.76 26.87
CA VAL C 134 -11.30 -2.64 27.40
C VAL C 134 -10.03 -2.48 26.60
N ASN C 135 -9.64 -1.23 26.33
CA ASN C 135 -8.34 -0.95 25.75
C ASN C 135 -7.88 0.39 26.33
N HIS C 136 -7.27 0.33 27.51
CA HIS C 136 -6.92 1.52 28.26
C HIS C 136 -5.45 1.87 28.10
N LEU C 137 -5.16 3.16 28.05
CA LEU C 137 -3.80 3.64 27.95
C LEU C 137 -3.59 4.74 28.99
N ARG C 138 -2.44 4.68 29.65
CA ARG C 138 -2.11 5.60 30.72
C ARG C 138 -0.67 6.06 30.52
N CYS C 139 -0.48 7.37 30.30
CA CYS C 139 0.83 7.93 30.01
C CYS C 139 1.42 8.50 31.27
N GLU C 140 2.67 8.15 31.55
CA GLU C 140 3.38 8.59 32.74
C GLU C 140 4.72 9.16 32.33
N LYS C 141 5.09 10.28 32.92
CA LYS C 141 6.37 10.91 32.63
C LYS C 141 7.23 10.90 33.88
N LEU C 142 8.44 10.37 33.76
CA LEU C 142 9.41 10.39 34.83
C LEU C 142 10.43 11.50 34.57
N THR C 143 10.74 12.24 35.63
CA THR C 143 11.78 13.27 35.59
C THR C 143 12.88 12.92 36.57
N PHE C 144 14.11 12.90 36.08
CA PHE C 144 15.29 12.62 36.88
C PHE C 144 16.13 13.87 36.93
N ASN C 145 16.21 14.50 38.09
CA ASN C 145 16.99 15.71 38.27
C ASN C 145 18.42 15.31 38.60
N ASN C 146 19.37 15.79 37.79
CA ASN C 146 20.79 15.59 38.01
C ASN C 146 21.15 14.12 38.24
N PRO C 147 20.87 13.26 37.25
CA PRO C 147 21.25 11.86 37.36
C PRO C 147 22.76 11.73 37.33
N THR C 148 23.23 10.53 37.65
CA THR C 148 24.63 10.19 37.48
C THR C 148 24.98 10.14 36.00
N GLU C 149 26.27 9.98 35.70
CA GLU C 149 26.67 9.96 34.29
C GLU C 149 26.23 8.66 33.62
N ASP C 150 26.22 7.56 34.36
CA ASP C 150 25.82 6.29 33.75
C ASP C 150 24.32 6.21 33.62
N PHE C 151 23.58 6.63 34.63
CA PHE C 151 22.10 6.45 34.50
C PHE C 151 21.62 7.41 33.41
N ARG C 152 22.35 8.51 33.21
CA ARG C 152 21.95 9.51 32.20
C ARG C 152 22.19 8.96 30.80
N ARG C 153 23.33 8.31 30.59
CA ARG C 153 23.65 7.76 29.25
C ARG C 153 22.64 6.68 28.92
N LYS C 154 22.17 5.97 29.94
CA LYS C 154 21.20 4.87 29.72
C LYS C 154 19.84 5.48 29.42
N LEU C 155 19.41 6.42 30.23
CA LEU C 155 18.11 7.10 30.02
C LEU C 155 18.09 7.71 28.62
N LEU C 156 19.21 8.27 28.17
CA LEU C 156 19.25 8.98 26.86
C LEU C 156 19.46 8.00 25.72
N LYS C 157 19.79 6.75 25.99
CA LYS C 157 19.81 5.74 24.93
C LYS C 157 18.42 5.24 24.60
N ALA C 158 17.46 5.52 25.47
CA ALA C 158 16.09 5.04 25.30
C ALA C 158 15.25 6.04 24.51
N LYS D 4 -21.54 -0.42 34.24
CA LYS D 4 -20.55 -0.63 33.18
C LYS D 4 -19.44 -1.66 33.57
N GLN D 5 -18.98 -1.65 34.82
CA GLN D 5 -17.87 -2.47 35.27
C GLN D 5 -18.36 -3.73 35.97
N THR D 6 -17.46 -4.71 36.04
CA THR D 6 -17.70 -5.87 36.88
C THR D 6 -17.59 -5.48 38.35
N ALA D 7 -17.91 -6.42 39.23
CA ALA D 7 -17.62 -6.22 40.64
C ALA D 7 -16.09 -6.18 40.84
N ARG D 8 -15.69 -5.85 42.06
CA ARG D 8 -14.27 -5.69 42.35
C ARG D 8 -13.82 -6.44 43.57
C XRW D 9 -10.91 -6.60 45.46
CB XRW D 9 -11.60 -8.82 44.45
CA XRW D 9 -12.03 -7.42 44.83
N XRW D 9 -12.53 -6.73 43.65
O XRW D 9 -10.14 -5.94 44.72
CE XRW D 9 -10.34 -10.87 41.55
C22 XRW D 9 -9.37 -12.81 40.25
C24 XRW D 9 -8.46 -14.06 40.25
CG XRW D 9 -11.07 -8.95 43.03
CD XRW D 9 -10.19 -10.19 42.90
C25 XRW D 9 -8.77 -14.96 39.07
NZ XRW D 9 -9.49 -12.05 41.50
O23 XRW D 9 -9.96 -12.45 39.29
O26 XRW D 9 -8.63 -14.80 41.44
N SER D 10 -10.82 -6.60 46.79
CA SER D 10 -9.77 -5.88 47.53
C SER D 10 -8.62 -6.77 47.97
N MET E 21 16.70 -34.59 21.60
CA MET E 21 17.70 -35.02 20.63
C MET E 21 18.96 -34.14 20.74
N ALA E 22 20.13 -34.75 20.52
CA ALA E 22 21.42 -34.06 20.51
C ALA E 22 21.83 -33.59 19.12
N SER E 23 21.07 -33.93 18.08
CA SER E 23 21.39 -33.53 16.72
C SER E 23 20.45 -32.42 16.28
N SER E 24 20.98 -31.54 15.44
CA SER E 24 20.22 -30.56 14.68
C SER E 24 20.79 -30.50 13.27
N CYS E 25 19.98 -30.02 12.34
CA CYS E 25 20.22 -30.25 10.94
C CYS E 25 19.81 -29.01 10.16
N ALA E 26 20.57 -28.70 9.12
CA ALA E 26 20.26 -27.55 8.26
C ALA E 26 20.49 -27.97 6.83
N VAL E 27 19.44 -27.91 6.00
CA VAL E 27 19.51 -28.36 4.62
C VAL E 27 19.31 -27.16 3.72
N GLN E 28 20.15 -27.06 2.69
CA GLN E 28 20.08 -26.01 1.69
C GLN E 28 19.74 -26.63 0.33
N VAL E 29 18.90 -25.95 -0.45
CA VAL E 29 18.62 -26.34 -1.82
C VAL E 29 18.80 -25.11 -2.68
N LYS E 30 19.17 -25.30 -3.95
CA LYS E 30 19.35 -24.18 -4.84
C LYS E 30 18.35 -24.27 -5.99
N LEU E 31 17.60 -23.20 -6.21
CA LEU E 31 16.72 -23.05 -7.36
C LEU E 31 17.33 -22.08 -8.35
N GLU E 32 17.05 -22.31 -9.63
CA GLU E 32 17.43 -21.38 -10.68
C GLU E 32 16.16 -20.87 -11.35
N LEU E 33 15.89 -19.59 -11.21
CA LEU E 33 14.82 -18.93 -11.94
C LEU E 33 15.41 -18.21 -13.13
N GLY E 34 14.73 -18.24 -14.26
CA GLY E 34 15.31 -17.55 -15.40
C GLY E 34 14.29 -17.42 -16.49
N HIS E 35 14.68 -16.68 -17.52
CA HIS E 35 13.78 -16.51 -18.65
C HIS E 35 14.61 -16.14 -19.87
N ARG E 36 14.09 -16.48 -21.02
CA ARG E 36 14.69 -16.10 -22.28
C ARG E 36 13.63 -15.34 -23.07
N ALA E 37 14.04 -14.30 -23.80
CA ALA E 37 13.11 -13.47 -24.56
C ALA E 37 13.80 -12.95 -25.83
N GLN E 38 13.09 -13.03 -26.96
CA GLN E 38 13.67 -12.66 -28.25
C GLN E 38 12.61 -12.09 -29.17
N VAL E 39 12.98 -11.10 -29.99
CA VAL E 39 11.99 -10.45 -30.86
C VAL E 39 11.67 -11.36 -32.03
N ARG E 40 10.38 -11.51 -32.33
CA ARG E 40 9.99 -12.38 -33.43
C ARG E 40 10.43 -11.79 -34.77
N LYS E 41 10.33 -12.62 -35.81
CA LYS E 41 10.58 -12.14 -37.17
C LYS E 41 9.46 -11.21 -37.63
N LYS E 42 8.21 -11.57 -37.36
CA LYS E 42 7.08 -10.67 -37.57
C LYS E 42 6.09 -10.77 -36.41
N PRO E 43 5.55 -9.64 -35.97
CA PRO E 43 4.61 -9.63 -34.84
C PRO E 43 3.40 -10.50 -35.09
N THR E 44 2.81 -11.00 -34.00
CA THR E 44 1.58 -11.77 -34.11
C THR E 44 0.47 -10.88 -34.63
N VAL E 45 -0.70 -11.48 -34.82
CA VAL E 45 -1.86 -10.73 -35.29
C VAL E 45 -2.22 -9.60 -34.32
N GLU E 46 -2.07 -9.85 -33.01
CA GLU E 46 -2.41 -8.92 -31.95
C GLU E 46 -1.34 -7.86 -31.74
N GLY E 47 -0.26 -7.91 -32.50
CA GLY E 47 0.79 -6.92 -32.39
C GLY E 47 1.90 -7.27 -31.41
N PHE E 48 2.02 -8.53 -31.02
CA PHE E 48 2.99 -8.92 -30.02
C PHE E 48 4.34 -9.10 -30.69
N THR E 49 5.37 -8.47 -30.13
CA THR E 49 6.68 -8.38 -30.76
C THR E 49 7.68 -9.45 -30.29
N HIS E 50 7.57 -9.96 -29.07
CA HIS E 50 8.55 -10.89 -28.52
C HIS E 50 7.94 -12.24 -28.22
N ASP E 51 8.83 -13.21 -28.12
CA ASP E 51 8.52 -14.53 -27.59
C ASP E 51 9.41 -14.76 -26.37
N TRP E 52 8.82 -15.18 -25.26
CA TRP E 52 9.60 -15.41 -24.06
C TRP E 52 9.19 -16.71 -23.40
N MET E 53 10.08 -17.20 -22.55
CA MET E 53 9.90 -18.41 -21.79
C MET E 53 10.48 -18.16 -20.41
N VAL E 54 9.70 -18.37 -19.37
CA VAL E 54 10.19 -18.21 -17.99
C VAL E 54 10.09 -19.56 -17.27
N PHE E 55 11.11 -19.85 -16.45
CA PHE E 55 11.22 -21.18 -15.88
C PHE E 55 11.73 -21.15 -14.46
N VAL E 56 11.50 -22.26 -13.76
CA VAL E 56 12.09 -22.57 -12.47
C VAL E 56 12.68 -23.98 -12.59
N ARG E 57 13.96 -24.12 -12.28
CA ARG E 57 14.61 -25.42 -12.36
C ARG E 57 15.68 -25.48 -11.28
N GLY E 58 16.24 -26.67 -11.11
CA GLY E 58 17.41 -26.83 -10.29
C GLY E 58 18.65 -26.67 -11.13
N PRO E 59 19.77 -26.37 -10.50
CA PRO E 59 21.01 -26.17 -11.25
C PRO E 59 21.52 -27.47 -11.83
N GLU E 60 22.10 -27.37 -13.04
CA GLU E 60 22.80 -28.47 -13.71
C GLU E 60 21.94 -29.73 -13.78
N HIS E 61 20.66 -29.53 -14.10
CA HIS E 61 19.67 -30.59 -14.38
C HIS E 61 19.28 -31.40 -13.14
N SER E 62 19.58 -30.89 -11.93
CA SER E 62 19.17 -31.57 -10.71
C SER E 62 17.66 -31.73 -10.69
N ASN E 63 17.20 -32.75 -9.98
CA ASN E 63 15.78 -33.10 -10.01
C ASN E 63 15.13 -32.50 -8.76
N ILE E 64 14.75 -31.22 -8.86
CA ILE E 64 14.10 -30.56 -7.73
C ILE E 64 12.73 -31.15 -7.44
N GLN E 65 12.17 -31.90 -8.40
CA GLN E 65 10.82 -32.42 -8.25
C GLN E 65 10.69 -33.39 -7.07
N HIS E 66 11.79 -33.97 -6.59
CA HIS E 66 11.75 -34.80 -5.38
C HIS E 66 11.12 -34.05 -4.21
N PHE E 67 11.23 -32.71 -4.17
CA PHE E 67 10.65 -31.91 -3.10
C PHE E 67 9.71 -30.80 -3.59
N VAL E 68 9.50 -30.63 -4.89
CA VAL E 68 8.63 -29.58 -5.41
C VAL E 68 7.27 -30.19 -5.74
N GLU E 69 6.25 -29.77 -5.00
CA GLU E 69 4.87 -30.15 -5.30
C GLU E 69 4.42 -29.57 -6.65
N LYS E 70 4.50 -28.25 -6.78
CA LYS E 70 4.10 -27.55 -8.01
C LYS E 70 4.65 -26.12 -7.97
N VAL E 71 4.96 -25.58 -9.14
CA VAL E 71 5.40 -24.20 -9.30
C VAL E 71 4.29 -23.44 -10.02
N VAL E 72 3.89 -22.29 -9.47
CA VAL E 72 2.77 -21.52 -9.99
C VAL E 72 3.26 -20.16 -10.48
N PHE E 73 3.00 -19.85 -11.75
CA PHE E 73 3.39 -18.57 -12.33
C PHE E 73 2.18 -17.65 -12.42
N HIS E 74 2.27 -16.48 -11.81
CA HIS E 74 1.16 -15.51 -11.77
C HIS E 74 1.40 -14.42 -12.80
N LEU E 75 0.78 -14.57 -13.97
CA LEU E 75 1.02 -13.68 -15.07
C LEU E 75 0.33 -12.32 -14.90
N HIS E 76 0.77 -11.35 -15.70
CA HIS E 76 0.14 -10.04 -15.74
C HIS E 76 -1.29 -10.16 -16.26
N GLU E 77 -2.22 -9.42 -15.64
CA GLU E 77 -3.63 -9.70 -15.85
C GLU E 77 -4.15 -9.36 -17.25
N SER E 78 -3.30 -8.84 -18.14
CA SER E 78 -3.69 -8.75 -19.54
C SER E 78 -3.75 -10.13 -20.20
N PHE E 79 -3.13 -11.14 -19.60
CA PHE E 79 -3.12 -12.48 -20.18
C PHE E 79 -4.37 -13.26 -19.78
N PRO E 80 -4.90 -14.04 -20.72
CA PRO E 80 -5.95 -15.00 -20.36
C PRO E 80 -5.37 -16.13 -19.53
N ARG E 81 -6.19 -16.65 -18.61
CA ARG E 81 -5.81 -17.73 -17.71
C ARG E 81 -4.48 -17.37 -17.05
N PRO E 82 -4.42 -16.26 -16.30
CA PRO E 82 -3.11 -15.72 -15.88
C PRO E 82 -2.39 -16.59 -14.87
N LYS E 83 -3.06 -17.52 -14.21
CA LYS E 83 -2.46 -18.37 -13.18
C LYS E 83 -2.06 -19.69 -13.84
N ARG E 84 -0.83 -19.75 -14.32
CA ARG E 84 -0.30 -20.95 -14.96
C ARG E 84 0.34 -21.87 -13.91
N VAL E 85 -0.21 -23.08 -13.78
CA VAL E 85 0.24 -24.05 -12.78
C VAL E 85 0.99 -25.20 -13.47
N CYS E 86 2.26 -25.40 -13.08
CA CYS E 86 3.05 -26.56 -13.49
C CYS E 86 3.11 -27.55 -12.32
N LYS E 87 2.44 -28.68 -12.46
CA LYS E 87 2.48 -29.71 -11.43
C LYS E 87 3.64 -30.67 -11.60
N ASP E 88 4.22 -30.76 -12.79
CA ASP E 88 5.34 -31.64 -13.06
C ASP E 88 6.30 -30.92 -14.01
N PRO E 89 7.59 -31.24 -13.93
CA PRO E 89 8.60 -30.49 -14.70
C PRO E 89 8.47 -30.74 -16.19
N PRO E 90 9.00 -29.85 -17.04
CA PRO E 90 9.66 -28.57 -16.67
C PRO E 90 8.68 -27.58 -16.09
N TYR E 91 9.18 -26.74 -15.20
CA TYR E 91 8.37 -25.70 -14.59
C TYR E 91 8.59 -24.46 -15.45
N LYS E 92 7.71 -24.27 -16.42
CA LYS E 92 8.01 -23.38 -17.53
C LYS E 92 6.71 -22.80 -18.06
N VAL E 93 6.77 -21.55 -18.52
CA VAL E 93 5.67 -20.91 -19.26
C VAL E 93 6.25 -20.26 -20.50
N GLU E 94 5.56 -20.44 -21.63
CA GLU E 94 5.99 -19.93 -22.93
C GLU E 94 4.88 -19.08 -23.51
N GLU E 95 5.20 -17.84 -23.88
CA GLU E 95 4.16 -16.93 -24.32
C GLU E 95 4.77 -15.85 -25.20
N SER E 96 3.90 -15.10 -25.88
CA SER E 96 4.28 -13.94 -26.67
C SER E 96 3.66 -12.68 -26.10
N GLY E 97 4.39 -11.57 -26.18
CA GLY E 97 3.94 -10.32 -25.62
C GLY E 97 4.68 -9.15 -26.23
N TYR E 98 4.39 -7.94 -25.69
CA TYR E 98 4.95 -6.71 -26.22
C TYR E 98 5.66 -5.87 -25.15
N ALA E 99 5.74 -6.33 -23.91
CA ALA E 99 6.37 -5.56 -22.85
C ALA E 99 6.65 -6.48 -21.65
N GLY E 100 7.59 -6.06 -20.81
CA GLY E 100 7.95 -6.83 -19.63
C GLY E 100 7.03 -6.56 -18.46
N PHE E 101 7.27 -7.29 -17.37
CA PHE E 101 6.45 -7.14 -16.17
C PHE E 101 7.06 -7.93 -15.02
N ILE E 102 6.57 -7.65 -13.81
CA ILE E 102 7.03 -8.30 -12.60
C ILE E 102 6.05 -9.41 -12.29
N LEU E 103 6.58 -10.59 -12.02
CA LEU E 103 5.87 -11.86 -12.13
C LEU E 103 5.95 -12.59 -10.78
N PRO E 104 4.85 -12.75 -10.06
CA PRO E 104 4.90 -13.59 -8.85
C PRO E 104 5.06 -15.07 -9.20
N ILE E 105 6.03 -15.74 -8.57
CA ILE E 105 6.26 -17.17 -8.78
C ILE E 105 6.28 -17.86 -7.44
N GLU E 106 5.43 -18.88 -7.29
CA GLU E 106 5.31 -19.59 -6.03
C GLU E 106 5.78 -21.02 -6.21
N VAL E 107 6.75 -21.43 -5.40
CA VAL E 107 7.24 -22.80 -5.38
C VAL E 107 6.63 -23.48 -4.16
N TYR E 108 5.74 -24.45 -4.42
CA TYR E 108 5.14 -25.27 -3.38
C TYR E 108 6.01 -26.49 -3.08
N PHE E 109 6.06 -26.88 -1.81
CA PHE E 109 6.91 -27.96 -1.35
C PHE E 109 6.12 -29.20 -0.94
N LYS E 110 6.71 -30.37 -1.19
CA LYS E 110 6.19 -31.67 -0.77
C LYS E 110 6.47 -31.88 0.72
N ASN E 111 5.82 -31.05 1.52
CA ASN E 111 6.14 -30.86 2.92
C ASN E 111 4.82 -30.75 3.68
N LYS E 112 4.70 -31.49 4.78
CA LYS E 112 3.48 -31.42 5.59
C LYS E 112 3.53 -30.32 6.65
N GLU E 113 4.70 -29.73 6.90
CA GLU E 113 4.87 -28.63 7.85
C GLU E 113 5.19 -27.34 7.09
N GLU E 114 5.44 -26.29 7.88
CA GLU E 114 5.88 -25.01 7.36
C GLU E 114 7.39 -25.03 7.12
N PRO E 115 7.87 -24.24 6.13
CA PRO E 115 7.13 -23.51 5.09
C PRO E 115 6.46 -24.44 4.07
N ARG E 116 5.20 -24.22 3.68
CA ARG E 116 4.66 -25.05 2.62
C ARG E 116 4.90 -24.46 1.22
N LYS E 117 5.30 -23.20 1.14
CA LYS E 117 5.66 -22.62 -0.14
C LYS E 117 6.57 -21.44 0.12
N VAL E 118 7.23 -20.99 -0.95
CA VAL E 118 8.05 -19.79 -0.98
C VAL E 118 7.62 -18.98 -2.20
N ARG E 119 7.71 -17.64 -2.08
CA ARG E 119 7.31 -16.74 -3.16
C ARG E 119 8.48 -15.88 -3.61
N PHE E 120 8.75 -15.90 -4.91
CA PHE E 120 9.66 -14.95 -5.53
C PHE E 120 8.84 -14.03 -6.42
N ASP E 121 9.33 -12.80 -6.59
CA ASP E 121 8.81 -11.88 -7.59
C ASP E 121 9.90 -11.73 -8.64
N TYR E 122 9.58 -12.06 -9.89
CA TYR E 122 10.57 -12.19 -10.94
C TYR E 122 10.41 -11.08 -11.98
N ASP E 123 11.55 -10.53 -12.41
CA ASP E 123 11.61 -9.39 -13.32
C ASP E 123 11.74 -9.93 -14.74
N LEU E 124 10.61 -10.16 -15.40
CA LEU E 124 10.61 -10.67 -16.77
C LEU E 124 10.67 -9.46 -17.70
N PHE E 125 11.89 -9.10 -18.09
CA PHE E 125 12.13 -7.93 -18.91
C PHE E 125 12.45 -8.35 -20.36
N LEU E 126 12.08 -7.52 -21.32
CA LEU E 126 12.39 -7.79 -22.72
C LEU E 126 13.46 -6.82 -23.19
N HIS E 127 14.09 -7.17 -24.31
CA HIS E 127 15.09 -6.29 -24.90
C HIS E 127 14.58 -5.79 -26.25
N LEU E 128 14.87 -4.52 -26.53
CA LEU E 128 14.44 -3.88 -27.77
C LEU E 128 15.08 -4.55 -28.98
N GLU E 129 14.44 -4.40 -30.13
CA GLU E 129 14.98 -4.99 -31.35
C GLU E 129 16.33 -4.37 -31.70
N GLY E 130 17.25 -5.22 -32.15
CA GLY E 130 18.59 -4.76 -32.46
C GLY E 130 19.59 -4.93 -31.33
N HIS E 131 19.12 -5.19 -30.12
CA HIS E 131 19.94 -5.66 -29.02
C HIS E 131 19.92 -7.19 -28.99
N PRO E 132 20.86 -7.82 -28.28
CA PRO E 132 20.87 -9.28 -28.26
C PRO E 132 19.69 -9.80 -27.50
N PRO E 133 19.22 -11.02 -27.80
CA PRO E 133 18.14 -11.62 -27.02
C PRO E 133 18.50 -11.74 -25.54
N VAL E 134 17.47 -11.89 -24.72
CA VAL E 134 17.62 -11.99 -23.27
C VAL E 134 17.80 -13.45 -22.92
N ASN E 135 18.90 -13.78 -22.26
CA ASN E 135 19.03 -15.08 -21.61
C ASN E 135 19.49 -14.82 -20.18
N HIS E 136 18.55 -14.87 -19.24
CA HIS E 136 18.81 -14.42 -17.87
C HIS E 136 18.68 -15.58 -16.89
N LEU E 137 19.50 -15.51 -15.83
CA LEU E 137 19.56 -16.55 -14.82
C LEU E 137 19.64 -15.92 -13.43
N ARG E 138 18.86 -16.44 -12.50
CA ARG E 138 18.81 -15.91 -11.15
C ARG E 138 18.84 -17.07 -10.18
N CYS E 139 19.85 -17.10 -9.32
CA CYS E 139 20.04 -18.21 -8.41
C CYS E 139 19.47 -17.85 -7.05
N GLU E 140 18.67 -18.74 -6.49
CA GLU E 140 18.12 -18.56 -5.16
C GLU E 140 18.46 -19.78 -4.32
N LYS E 141 18.83 -19.52 -3.07
CA LYS E 141 19.17 -20.57 -2.11
C LYS E 141 18.14 -20.55 -0.99
N LEU E 142 17.43 -21.66 -0.81
CA LEU E 142 16.52 -21.81 0.31
C LEU E 142 17.19 -22.62 1.41
N THR E 143 16.96 -22.23 2.65
CA THR E 143 17.49 -22.96 3.80
C THR E 143 16.34 -23.44 4.66
N PHE E 144 16.29 -24.75 4.91
CA PHE E 144 15.32 -25.35 5.83
C PHE E 144 16.06 -25.83 7.07
N ASN E 145 15.75 -25.25 8.22
CA ASN E 145 16.36 -25.66 9.47
C ASN E 145 15.50 -26.73 10.10
N ASN E 146 16.08 -27.89 10.31
CA ASN E 146 15.47 -29.01 11.00
C ASN E 146 14.18 -29.45 10.33
N PRO E 147 14.21 -29.75 9.03
CA PRO E 147 13.01 -30.32 8.41
C PRO E 147 12.62 -31.63 9.07
N THR E 148 11.35 -31.99 8.92
CA THR E 148 10.90 -33.32 9.30
C THR E 148 11.69 -34.38 8.55
N GLU E 149 11.67 -35.59 9.09
CA GLU E 149 12.46 -36.66 8.51
C GLU E 149 12.07 -36.89 7.06
N ASP E 150 10.78 -36.81 6.73
CA ASP E 150 10.41 -37.12 5.34
C ASP E 150 10.81 -35.98 4.41
N PHE E 151 10.54 -34.73 4.78
CA PHE E 151 10.95 -33.63 3.93
C PHE E 151 12.47 -33.61 3.77
N ARG E 152 13.21 -33.91 4.84
CA ARG E 152 14.68 -33.84 4.77
C ARG E 152 15.18 -34.82 3.71
N ARG E 153 14.60 -36.00 3.65
CA ARG E 153 15.09 -37.04 2.71
C ARG E 153 14.70 -36.67 1.29
N LYS E 154 13.52 -36.10 1.12
CA LYS E 154 13.06 -35.68 -0.22
C LYS E 154 14.01 -34.62 -0.75
N LEU E 155 14.49 -33.76 0.13
CA LEU E 155 15.38 -32.67 -0.29
C LEU E 155 16.75 -33.24 -0.62
N LEU E 156 17.22 -34.23 0.14
CA LEU E 156 18.59 -34.72 -0.05
C LEU E 156 18.72 -35.80 -1.13
N LYS E 157 17.61 -36.38 -1.62
CA LYS E 157 17.63 -37.14 -2.85
C LYS E 157 17.79 -36.25 -4.09
N ALA E 158 17.60 -34.94 -3.95
CA ALA E 158 17.55 -34.00 -5.09
C ALA E 158 18.87 -33.25 -5.38
N THR F 3 18.36 2.62 -21.53
CA THR F 3 18.38 1.19 -21.21
C THR F 3 18.12 0.37 -22.49
N LYS F 4 18.47 -0.91 -22.43
CA LYS F 4 18.19 -1.87 -23.48
C LYS F 4 16.79 -2.45 -23.40
N GLN F 5 15.99 -2.01 -22.44
CA GLN F 5 14.75 -2.69 -22.08
C GLN F 5 13.54 -2.02 -22.69
N THR F 6 12.54 -2.83 -23.03
CA THR F 6 11.24 -2.28 -23.37
C THR F 6 10.57 -1.75 -22.10
N ALA F 7 9.38 -1.20 -22.28
CA ALA F 7 8.59 -0.71 -21.17
C ALA F 7 8.07 -1.87 -20.34
N ARG F 8 7.58 -1.55 -19.16
CA ARG F 8 7.08 -2.54 -18.20
C ARG F 8 5.61 -2.29 -17.84
C XRW F 9 3.10 -3.03 -16.18
CB XRW F 9 2.71 -4.48 -18.13
CA XRW F 9 3.34 -3.18 -17.68
N XRW F 9 4.76 -3.29 -18.03
O XRW F 9 4.02 -3.37 -15.39
CE XRW F 9 2.42 -6.45 -21.40
C22 XRW F 9 1.45 -8.42 -22.66
C24 XRW F 9 0.27 -9.37 -22.92
CG XRW F 9 2.96 -4.71 -19.60
CD XRW F 9 2.01 -5.79 -20.10
C25 XRW F 9 0.62 -10.21 -24.14
NZ XRW F 9 1.33 -7.35 -21.69
O23 XRW F 9 2.48 -8.54 -23.24
O26 XRW F 9 -0.93 -8.68 -23.14
N SER F 10 1.91 -2.57 -15.77
CA SER F 10 1.61 -2.31 -14.34
C SER F 10 0.21 -2.75 -13.88
N MET G 21 -46.88 26.83 -30.07
CA MET G 21 -45.89 27.57 -30.90
C MET G 21 -45.83 26.93 -32.29
N ALA G 22 -45.50 27.70 -33.32
CA ALA G 22 -45.49 27.18 -34.70
C ALA G 22 -44.06 26.91 -35.14
N SER G 23 -43.10 27.31 -34.33
CA SER G 23 -41.68 27.21 -34.72
C SER G 23 -41.01 25.97 -34.15
N SER G 24 -40.05 25.42 -34.88
CA SER G 24 -39.25 24.28 -34.38
C SER G 24 -37.83 24.51 -34.92
N CYS G 25 -36.80 24.19 -34.13
CA CYS G 25 -35.41 24.45 -34.53
C CYS G 25 -34.57 23.20 -34.41
N ALA G 26 -33.57 23.06 -35.26
CA ALA G 26 -32.61 21.94 -35.15
C ALA G 26 -31.24 22.51 -35.44
N VAL G 27 -30.40 22.63 -34.41
CA VAL G 27 -29.02 23.14 -34.59
C VAL G 27 -28.07 21.94 -34.68
N GLN G 28 -27.14 21.98 -35.63
CA GLN G 28 -26.15 20.89 -35.80
C GLN G 28 -24.75 21.48 -35.77
N VAL G 29 -23.87 20.91 -34.96
CA VAL G 29 -22.48 21.36 -34.85
C VAL G 29 -21.58 20.22 -35.25
N LYS G 30 -20.44 20.56 -35.85
CA LYS G 30 -19.44 19.57 -36.27
C LYS G 30 -18.26 19.59 -35.30
N LEU G 31 -17.83 18.41 -34.87
CA LEU G 31 -16.62 18.26 -34.07
C LEU G 31 -15.63 17.37 -34.81
N GLU G 32 -14.35 17.66 -34.62
CA GLU G 32 -13.30 16.81 -35.16
C GLU G 32 -12.51 16.20 -34.00
N LEU G 33 -12.53 14.89 -33.91
CA LEU G 33 -11.67 14.15 -32.99
C LEU G 33 -10.49 13.64 -33.79
N GLY G 34 -9.31 13.63 -33.19
CA GLY G 34 -8.18 13.14 -33.94
C GLY G 34 -6.96 13.03 -33.06
N HIS G 35 -5.98 12.30 -33.59
CA HIS G 35 -4.73 12.04 -32.84
C HIS G 35 -3.58 11.95 -33.82
N ARG G 36 -2.37 12.27 -33.37
CA ARG G 36 -1.17 12.13 -34.21
C ARG G 36 -0.17 11.32 -33.40
N ALA G 37 0.55 10.40 -34.03
CA ALA G 37 1.49 9.53 -33.31
C ALA G 37 2.80 9.40 -34.08
N GLN G 38 3.92 9.42 -33.38
CA GLN G 38 5.22 9.42 -34.02
C GLN G 38 6.21 8.60 -33.21
N VAL G 39 6.98 7.77 -33.91
CA VAL G 39 8.05 7.03 -33.25
C VAL G 39 9.15 8.00 -32.81
N ARG G 40 9.61 7.86 -31.59
CA ARG G 40 10.65 8.76 -31.09
C ARG G 40 12.01 8.45 -31.74
N LYS G 41 12.91 9.44 -31.65
CA LYS G 41 14.31 9.22 -32.01
C LYS G 41 14.92 8.11 -31.16
N LYS G 42 14.89 8.30 -29.84
CA LYS G 42 15.36 7.37 -28.84
C LYS G 42 14.26 7.21 -27.79
N PRO G 43 13.95 5.99 -27.38
CA PRO G 43 12.94 5.81 -26.33
C PRO G 43 13.33 6.51 -25.06
N THR G 44 12.33 6.96 -24.31
CA THR G 44 12.56 7.54 -23.01
C THR G 44 13.20 6.51 -22.09
N VAL G 45 13.56 6.95 -20.87
CA VAL G 45 14.20 6.05 -19.91
C VAL G 45 13.32 4.82 -19.66
N GLU G 46 12.01 5.02 -19.54
CA GLU G 46 11.08 3.96 -19.24
C GLU G 46 10.71 3.13 -20.45
N GLY G 47 11.43 3.29 -21.57
CA GLY G 47 11.17 2.50 -22.75
C GLY G 47 9.95 2.90 -23.54
N PHE G 48 9.49 4.15 -23.43
CA PHE G 48 8.37 4.62 -24.22
C PHE G 48 8.87 4.98 -25.62
N THR G 49 8.21 4.46 -26.64
CA THR G 49 8.72 4.53 -27.99
C THR G 49 8.04 5.58 -28.87
N HIS G 50 6.93 6.16 -28.42
CA HIS G 50 6.11 7.01 -29.27
C HIS G 50 5.77 8.30 -28.53
N ASP G 51 5.57 9.36 -29.32
CA ASP G 51 4.94 10.59 -28.86
C ASP G 51 3.60 10.72 -29.56
N TRP G 52 2.55 11.04 -28.78
CA TRP G 52 1.25 11.18 -29.40
C TRP G 52 0.52 12.37 -28.82
N MET G 53 -0.40 12.89 -29.63
CA MET G 53 -1.25 14.01 -29.24
C MET G 53 -2.65 13.67 -29.71
N VAL G 54 -3.63 13.77 -28.82
CA VAL G 54 -5.02 13.51 -29.14
C VAL G 54 -5.83 14.74 -28.78
N PHE G 55 -6.84 15.06 -29.62
CA PHE G 55 -7.49 16.36 -29.54
C PHE G 55 -8.97 16.28 -29.93
N VAL G 56 -9.70 17.30 -29.50
CA VAL G 56 -11.08 17.56 -29.92
C VAL G 56 -11.14 19.03 -30.34
N ARG G 57 -11.48 19.28 -31.60
CA ARG G 57 -11.56 20.65 -32.10
C ARG G 57 -12.74 20.78 -33.04
N GLY G 58 -13.04 22.03 -33.40
CA GLY G 58 -14.00 22.33 -34.43
C GLY G 58 -13.30 22.41 -35.77
N PRO G 59 -14.04 22.21 -36.86
CA PRO G 59 -13.43 22.23 -38.19
C PRO G 59 -12.98 23.63 -38.56
N GLU G 60 -11.87 23.71 -39.30
CA GLU G 60 -11.27 24.95 -39.82
C GLU G 60 -11.26 26.06 -38.78
N HIS G 61 -10.81 25.71 -37.58
CA HIS G 61 -10.49 26.67 -36.52
C HIS G 61 -11.73 27.44 -36.06
N SER G 62 -12.92 26.89 -36.30
CA SER G 62 -14.12 27.41 -35.67
C SER G 62 -13.97 27.35 -34.16
N ASN G 63 -14.69 28.21 -33.48
CA ASN G 63 -14.45 28.44 -32.07
C ASN G 63 -15.53 27.74 -31.24
N ILE G 64 -15.29 26.46 -30.92
CA ILE G 64 -16.35 25.66 -30.30
C ILE G 64 -16.52 25.99 -28.82
N GLN G 65 -15.64 26.84 -28.25
CA GLN G 65 -15.75 27.22 -26.84
C GLN G 65 -17.01 28.00 -26.52
N HIS G 66 -17.69 28.54 -27.53
CA HIS G 66 -18.96 29.19 -27.28
C HIS G 66 -19.96 28.23 -26.64
N PHE G 67 -19.83 26.92 -26.92
CA PHE G 67 -20.76 25.95 -26.37
C PHE G 67 -20.09 24.80 -25.62
N VAL G 68 -18.77 24.72 -25.57
CA VAL G 68 -18.07 23.62 -24.90
C VAL G 68 -17.58 24.13 -23.54
N GLU G 69 -18.13 23.56 -22.45
CA GLU G 69 -17.66 23.93 -21.12
C GLU G 69 -16.25 23.40 -20.87
N LYS G 70 -16.07 22.09 -21.06
CA LYS G 70 -14.78 21.42 -20.87
C LYS G 70 -14.78 20.12 -21.65
N VAL G 71 -13.57 19.63 -21.94
CA VAL G 71 -13.36 18.35 -22.60
C VAL G 71 -12.51 17.49 -21.70
N VAL G 72 -12.97 16.27 -21.42
CA VAL G 72 -12.33 15.38 -20.46
C VAL G 72 -11.83 14.13 -21.19
N PHE G 73 -10.52 13.91 -21.15
CA PHE G 73 -9.89 12.73 -21.73
C PHE G 73 -9.58 11.71 -20.63
N HIS G 74 -10.18 10.52 -20.73
CA HIS G 74 -9.98 9.48 -19.72
C HIS G 74 -8.94 8.49 -20.24
N LEU G 75 -7.70 8.68 -19.82
CA LEU G 75 -6.57 7.89 -20.31
C LEU G 75 -6.57 6.47 -19.70
N HIS G 76 -5.77 5.60 -20.31
CA HIS G 76 -5.59 4.24 -19.78
C HIS G 76 -4.90 4.32 -18.42
N GLU G 77 -5.33 3.47 -17.49
CA GLU G 77 -4.98 3.72 -16.09
C GLU G 77 -3.52 3.49 -15.76
N SER G 78 -2.69 3.02 -16.71
CA SER G 78 -1.27 3.04 -16.47
C SER G 78 -0.69 4.46 -16.38
N PHE G 79 -1.41 5.47 -16.88
CA PHE G 79 -0.92 6.86 -16.89
C PHE G 79 -1.21 7.57 -15.55
N PRO G 80 -0.25 8.32 -15.03
CA PRO G 80 -0.52 9.17 -13.88
C PRO G 80 -1.55 10.23 -14.21
N ARG G 81 -2.35 10.59 -13.20
CA ARG G 81 -3.40 11.60 -13.31
C ARG G 81 -4.20 11.30 -14.55
N PRO G 82 -4.88 10.15 -14.59
CA PRO G 82 -5.42 9.67 -15.86
C PRO G 82 -6.57 10.49 -16.39
N LYS G 83 -7.24 11.28 -15.55
CA LYS G 83 -8.36 12.11 -16.00
C LYS G 83 -7.79 13.47 -16.37
N ARG G 84 -7.55 13.70 -17.65
CA ARG G 84 -7.04 14.97 -18.14
C ARG G 84 -8.22 15.87 -18.52
N VAL G 85 -8.30 17.06 -17.89
CA VAL G 85 -9.39 18.00 -18.10
C VAL G 85 -8.85 19.24 -18.82
N CYS G 86 -9.48 19.62 -19.93
CA CYS G 86 -9.18 20.86 -20.64
C CYS G 86 -10.39 21.77 -20.55
N LYS G 87 -10.25 22.87 -19.82
CA LYS G 87 -11.35 23.80 -19.69
C LYS G 87 -11.31 24.91 -20.73
N ASP G 88 -10.21 25.04 -21.48
CA ASP G 88 -10.11 26.05 -22.54
C ASP G 88 -9.32 25.46 -23.68
N PRO G 89 -9.53 25.94 -24.90
CA PRO G 89 -8.82 25.38 -26.06
C PRO G 89 -7.34 25.72 -26.01
N PRO G 90 -6.48 24.97 -26.73
CA PRO G 90 -6.90 23.76 -27.46
C PRO G 90 -7.27 22.63 -26.49
N TYR G 91 -8.24 21.81 -26.84
CA TYR G 91 -8.60 20.64 -26.04
C TYR G 91 -7.73 19.50 -26.55
N LYS G 92 -6.58 19.30 -25.91
CA LYS G 92 -5.67 18.25 -26.37
C LYS G 92 -4.91 17.68 -25.19
N VAL G 93 -4.35 16.49 -25.41
CA VAL G 93 -3.42 15.89 -24.46
C VAL G 93 -2.18 15.45 -25.23
N GLU G 94 -1.01 15.74 -24.66
CA GLU G 94 0.28 15.34 -25.24
C GLU G 94 0.97 14.40 -24.26
N GLU G 95 1.38 13.23 -24.75
CA GLU G 95 2.00 12.23 -23.90
C GLU G 95 2.95 11.36 -24.71
N SER G 96 3.74 10.57 -24.01
CA SER G 96 4.57 9.53 -24.60
C SER G 96 4.12 8.19 -24.06
N GLY G 97 4.25 7.15 -24.89
CA GLY G 97 3.76 5.83 -24.54
C GLY G 97 4.40 4.77 -25.40
N TYR G 98 3.98 3.52 -25.17
CA TYR G 98 4.57 2.39 -25.86
C TYR G 98 3.56 1.49 -26.55
N ALA G 99 2.26 1.76 -26.42
CA ALA G 99 1.20 1.01 -27.08
C ALA G 99 -0.06 1.86 -27.15
N GLY G 100 -1.00 1.46 -28.02
CA GLY G 100 -2.25 2.17 -28.17
C GLY G 100 -3.31 1.73 -27.17
N PHE G 101 -4.44 2.47 -27.16
CA PHE G 101 -5.54 2.11 -26.28
C PHE G 101 -6.82 2.81 -26.75
N ILE G 102 -7.97 2.36 -26.22
CA ILE G 102 -9.27 3.00 -26.46
C ILE G 102 -9.55 3.94 -25.32
N LEU G 103 -9.91 5.17 -25.66
CA LEU G 103 -9.90 6.33 -24.78
C LEU G 103 -11.32 6.90 -24.70
N PRO G 104 -11.96 6.93 -23.55
CA PRO G 104 -13.23 7.66 -23.43
C PRO G 104 -12.98 9.18 -23.41
N ILE G 105 -13.66 9.91 -24.30
CA ILE G 105 -13.59 11.37 -24.35
C ILE G 105 -14.97 11.92 -24.08
N GLU G 106 -15.07 12.85 -23.14
CA GLU G 106 -16.36 13.44 -22.77
C GLU G 106 -16.33 14.91 -23.09
N VAL G 107 -17.28 15.36 -23.89
CA VAL G 107 -17.42 16.77 -24.25
C VAL G 107 -18.61 17.33 -23.46
N TYR G 108 -18.32 18.26 -22.54
CA TYR G 108 -19.35 18.91 -21.76
C TYR G 108 -19.83 20.17 -22.45
N PHE G 109 -21.12 20.48 -22.26
CA PHE G 109 -21.76 21.61 -22.92
C PHE G 109 -22.12 22.70 -21.92
N LYS G 110 -22.11 23.94 -22.40
CA LYS G 110 -22.61 25.10 -21.66
C LYS G 110 -24.14 25.16 -21.75
N ASN G 111 -24.76 24.06 -21.34
CA ASN G 111 -26.20 23.85 -21.43
C ASN G 111 -26.73 23.62 -20.03
N LYS G 112 -27.88 24.20 -19.73
CA LYS G 112 -28.51 23.99 -18.43
C LYS G 112 -29.57 22.90 -18.44
N GLU G 113 -29.95 22.39 -19.62
CA GLU G 113 -30.85 21.26 -19.74
C GLU G 113 -30.08 20.08 -20.31
N GLU G 114 -30.81 19.06 -20.74
CA GLU G 114 -30.13 17.91 -21.31
C GLU G 114 -30.16 17.96 -22.83
N PRO G 115 -29.13 17.43 -23.51
CA PRO G 115 -27.92 16.78 -23.00
C PRO G 115 -26.92 17.73 -22.35
N ARG G 116 -26.25 17.31 -21.28
CA ARG G 116 -25.20 18.14 -20.72
C ARG G 116 -23.80 17.67 -21.08
N LYS G 117 -23.67 16.49 -21.67
CA LYS G 117 -22.39 16.02 -22.16
C LYS G 117 -22.67 14.96 -23.22
N VAL G 118 -21.62 14.60 -23.95
CA VAL G 118 -21.67 13.50 -24.89
C VAL G 118 -20.39 12.70 -24.71
N ARG G 119 -20.46 11.41 -25.00
CA ARG G 119 -19.30 10.55 -24.84
C ARG G 119 -18.92 9.92 -26.17
N PHE G 120 -17.65 10.04 -26.53
CA PHE G 120 -17.08 9.29 -27.63
C PHE G 120 -16.04 8.36 -27.05
N ASP G 121 -15.90 7.18 -27.66
CA ASP G 121 -14.79 6.30 -27.37
C ASP G 121 -13.84 6.34 -28.55
N TYR G 122 -12.60 6.79 -28.29
CA TYR G 122 -11.65 7.09 -29.35
C TYR G 122 -10.58 6.00 -29.43
N ASP G 123 -10.28 5.57 -30.65
CA ASP G 123 -9.30 4.51 -30.87
C ASP G 123 -7.94 5.15 -31.13
N LEU G 124 -7.15 5.32 -30.07
CA LEU G 124 -5.82 5.93 -30.16
C LEU G 124 -4.81 4.84 -30.45
N PHE G 125 -4.46 4.66 -31.72
CA PHE G 125 -3.56 3.60 -32.14
C PHE G 125 -2.20 4.17 -32.55
N LEU G 126 -1.17 3.34 -32.42
CA LEU G 126 0.18 3.70 -32.82
C LEU G 126 0.63 2.83 -33.97
N HIS G 127 1.49 3.38 -34.81
CA HIS G 127 2.06 2.66 -35.92
C HIS G 127 3.48 2.24 -35.60
N LEU G 128 3.86 1.06 -36.09
CA LEU G 128 5.18 0.49 -35.81
C LEU G 128 6.27 1.31 -36.48
N GLU G 129 7.50 1.09 -36.01
CA GLU G 129 8.64 1.80 -36.58
C GLU G 129 8.78 1.47 -38.06
N GLY G 130 9.16 2.47 -38.85
CA GLY G 130 9.34 2.29 -40.28
C GLY G 130 8.09 2.51 -41.10
N HIS G 131 6.95 2.55 -40.48
CA HIS G 131 5.76 3.06 -41.14
C HIS G 131 5.70 4.57 -40.96
N PRO G 132 4.92 5.25 -41.79
CA PRO G 132 4.75 6.70 -41.63
C PRO G 132 4.02 7.00 -40.33
N PRO G 133 4.15 8.21 -39.79
CA PRO G 133 3.43 8.55 -38.56
C PRO G 133 1.91 8.41 -38.74
N VAL G 134 1.21 8.60 -37.63
CA VAL G 134 -0.25 8.58 -37.63
C VAL G 134 -0.72 10.02 -37.62
N ASN G 135 -1.64 10.36 -38.53
CA ASN G 135 -2.35 11.65 -38.51
C ASN G 135 -3.80 11.31 -38.87
N HIS G 136 -4.61 11.04 -37.85
CA HIS G 136 -5.95 10.50 -38.02
C HIS G 136 -7.00 11.51 -37.59
N LEU G 137 -8.10 11.54 -38.34
CA LEU G 137 -9.18 12.51 -38.11
C LEU G 137 -10.51 11.78 -38.09
N ARG G 138 -11.39 12.20 -37.19
CA ARG G 138 -12.68 11.55 -37.01
C ARG G 138 -13.70 12.64 -36.83
N CYS G 139 -14.66 12.70 -37.76
CA CYS G 139 -15.65 13.77 -37.75
C CYS G 139 -16.94 13.24 -37.16
N GLU G 140 -17.53 14.04 -36.28
CA GLU G 140 -18.79 13.70 -35.64
C GLU G 140 -19.70 14.91 -35.68
N LYS G 141 -20.93 14.73 -36.14
CA LYS G 141 -21.95 15.77 -36.13
C LYS G 141 -22.90 15.52 -34.97
N LEU G 142 -23.09 16.53 -34.12
CA LEU G 142 -24.09 16.44 -33.06
C LEU G 142 -25.33 17.25 -33.48
N THR G 143 -26.50 16.80 -33.02
CA THR G 143 -27.76 17.43 -33.42
C THR G 143 -28.61 17.72 -32.20
N PHE G 144 -28.78 19.01 -31.89
CA PHE G 144 -29.59 19.45 -30.76
C PHE G 144 -30.96 19.89 -31.26
N ASN G 145 -32.01 19.14 -30.91
CA ASN G 145 -33.35 19.52 -31.32
C ASN G 145 -33.95 20.43 -30.28
N ASN G 146 -34.45 21.58 -30.74
CA ASN G 146 -35.09 22.58 -29.90
C ASN G 146 -34.31 22.93 -28.64
N PRO G 147 -33.10 23.47 -28.80
CA PRO G 147 -32.33 23.89 -27.63
C PRO G 147 -32.97 25.08 -26.97
N THR G 148 -32.58 25.31 -25.71
CA THR G 148 -32.87 26.54 -25.01
C THR G 148 -32.42 27.73 -25.84
N GLU G 149 -33.07 28.88 -25.63
CA GLU G 149 -32.63 30.08 -26.33
C GLU G 149 -31.16 30.34 -26.11
N ASP G 150 -30.68 30.19 -24.86
CA ASP G 150 -29.28 30.49 -24.57
C ASP G 150 -28.35 29.53 -25.29
N PHE G 151 -28.63 28.24 -25.22
CA PHE G 151 -27.71 27.27 -25.83
C PHE G 151 -27.79 27.41 -27.35
N ARG G 152 -28.96 27.75 -27.85
CA ARG G 152 -29.14 27.89 -29.31
C ARG G 152 -28.20 28.97 -29.81
N ARG G 153 -28.13 30.07 -29.09
CA ARG G 153 -27.29 31.20 -29.52
C ARG G 153 -25.83 30.83 -29.36
N LYS G 154 -25.50 30.21 -28.24
CA LYS G 154 -24.08 29.86 -27.96
C LYS G 154 -23.62 28.90 -29.06
N LEU G 155 -24.52 28.11 -29.58
CA LEU G 155 -24.13 27.09 -30.58
C LEU G 155 -23.94 27.77 -31.93
N LEU G 156 -24.78 28.74 -32.28
CA LEU G 156 -24.69 29.32 -33.61
C LEU G 156 -23.70 30.46 -33.72
N LYS G 157 -23.14 30.95 -32.61
CA LYS G 157 -21.96 31.81 -32.76
C LYS G 157 -20.66 31.03 -32.90
N ALA G 158 -20.71 29.69 -32.87
CA ALA G 158 -19.51 28.89 -33.09
C ALA G 158 -19.31 28.54 -34.58
N THR H 3 -1.32 -6.10 -39.71
CA THR H 3 -1.68 -4.70 -39.41
C THR H 3 -0.39 -3.89 -39.18
N LYS H 4 -0.48 -2.59 -39.46
CA LYS H 4 0.60 -1.64 -39.23
C LYS H 4 0.64 -1.13 -37.79
N GLN H 5 -0.13 -1.73 -36.89
CA GLN H 5 -0.37 -1.16 -35.57
C GLN H 5 0.45 -1.87 -34.48
N THR H 6 0.82 -1.10 -33.46
CA THR H 6 1.30 -1.71 -32.23
C THR H 6 0.14 -2.38 -31.50
N ALA H 7 0.48 -3.17 -30.48
CA ALA H 7 -0.53 -3.81 -29.65
C ALA H 7 -1.37 -2.76 -28.92
N ARG H 8 -2.51 -3.23 -28.40
CA ARG H 8 -3.49 -2.40 -27.69
C ARG H 8 -3.63 -2.82 -26.21
C XRW H 9 -4.96 -2.38 -23.52
CB XRW H 9 -3.13 -0.84 -23.17
CA XRW H 9 -3.48 -2.14 -23.86
N XRW H 9 -3.27 -1.92 -25.29
O XRW H 9 -5.84 -1.87 -24.26
CE XRW H 9 -0.03 1.37 -22.88
C22 XRW H 9 1.25 3.31 -21.96
C24 XRW H 9 1.64 4.19 -20.76
CG XRW H 9 -1.73 -0.40 -23.50
CD XRW H 9 -1.23 0.54 -22.44
C25 XRW H 9 2.85 5.06 -21.14
NZ XRW H 9 0.34 2.22 -21.76
O23 XRW H 9 1.67 3.48 -23.06
O26 XRW H 9 1.99 3.41 -19.65
N SER H 10 -5.25 -3.09 -22.42
CA SER H 10 -6.65 -3.37 -22.06
C SER H 10 -7.05 -3.03 -20.61
C1 EDO I . 6.88 -3.81 23.88
O1 EDO I . 5.48 -3.89 24.11
C2 EDO I . 7.21 -3.23 22.49
O2 EDO I . 7.02 -1.82 22.46
C1 EDO J . -1.76 -19.10 -26.17
O1 EDO J . -2.53 -20.08 -26.87
C2 EDO J . -0.27 -19.29 -26.48
O2 EDO J . 0.08 -18.51 -27.63
C1 EDO K . -7.11 24.03 -31.86
O1 EDO K . -7.05 22.66 -32.28
C2 EDO K . -8.32 24.76 -32.46
O2 EDO K . -8.18 25.01 -33.87
C1 EDO L . -17.41 7.75 -17.13
O1 EDO L . -17.68 8.15 -18.48
C2 EDO L . -16.47 6.55 -17.14
O2 EDO L . -15.23 6.91 -17.78
#